data_2BGK
#
_entry.id   2BGK
#
_cell.length_a   107.340
_cell.length_b   133.560
_cell.length_c   69.350
_cell.angle_alpha   90.00
_cell.angle_beta   90.00
_cell.angle_gamma   90.00
#
_symmetry.space_group_name_H-M   'C 2 2 21'
#
loop_
_entity.id
_entity.type
_entity.pdbx_description
1 polymer 'RHIZOME SECOISOLARICIRESINOL DEHYDROGENASE'
2 water water
#
_entity_poly.entity_id   1
_entity_poly.type   'polypeptide(L)'
_entity_poly.pdbx_seq_one_letter_code
;MGSTSTPDSSTNRLQDKVAIITGGAGGIGETTAKLFVRYGAKVVIADIADDHGQKVCNNIGSPDVISFVHCDVTKDEDVR
NLVDTTIAKHGKLDIMFGNVGVLSTTPYSILEAGNEDFKRVMDINVYGAFLVAKHAARVMIPAKKGSIVFTASISSFTAG
EGVSHVYTATKHAVLGLTTSLCTELGEYGIRVNCVSPYIVASPLLTDVFGVDSSRVEELAHQAANLKGTLLRAEDVADAV
AYLAGDESKYVSGLNLVIDGGYTRTNPAFPTALKHGLA
;
_entity_poly.pdbx_strand_id   A,B
#
# COMPACT_ATOMS: atom_id res chain seq x y z
N THR A 11 8.47 -6.78 34.33
CA THR A 11 7.78 -7.75 35.18
C THR A 11 6.90 -8.66 34.31
N ASN A 12 5.65 -8.91 34.71
CA ASN A 12 4.67 -9.67 33.94
C ASN A 12 3.46 -8.80 33.56
N ARG A 13 3.86 -8.07 32.53
CA ARG A 13 3.14 -7.03 31.80
C ARG A 13 1.97 -7.53 30.96
N LEU A 14 2.11 -8.79 30.58
CA LEU A 14 1.18 -9.50 29.74
C LEU A 14 0.59 -10.71 30.47
N GLN A 15 0.50 -10.67 31.80
CA GLN A 15 0.02 -11.80 32.57
C GLN A 15 -1.41 -12.13 32.17
N ASP A 16 -1.58 -13.41 31.79
CA ASP A 16 -2.84 -14.07 31.40
C ASP A 16 -3.26 -13.82 29.95
N LYS A 17 -2.59 -12.90 29.26
CA LYS A 17 -2.94 -12.59 27.89
C LYS A 17 -2.64 -13.75 26.96
N VAL A 18 -3.44 -13.90 25.92
CA VAL A 18 -3.19 -14.93 24.93
C VAL A 18 -2.83 -14.22 23.63
N ALA A 19 -1.71 -14.66 23.09
CA ALA A 19 -1.18 -14.11 21.86
C ALA A 19 -0.95 -15.12 20.74
N ILE A 20 -1.27 -14.72 19.51
CA ILE A 20 -0.85 -15.46 18.33
C ILE A 20 0.25 -14.65 17.65
N ILE A 21 1.32 -15.35 17.25
CA ILE A 21 2.45 -14.76 16.55
C ILE A 21 2.67 -15.51 15.25
N THR A 22 2.45 -14.89 14.09
CA THR A 22 2.75 -15.60 12.85
C THR A 22 4.19 -15.32 12.48
N GLY A 23 4.76 -16.03 11.50
CA GLY A 23 6.19 -15.93 11.19
C GLY A 23 7.04 -16.26 12.42
N GLY A 24 6.64 -17.22 13.25
CA GLY A 24 7.29 -17.49 14.52
C GLY A 24 8.65 -18.17 14.49
N ALA A 25 9.07 -18.68 13.33
CA ALA A 25 10.38 -19.32 13.17
C ALA A 25 11.49 -18.35 12.77
N GLY A 26 11.06 -17.16 12.34
CA GLY A 26 11.97 -16.08 12.00
C GLY A 26 12.48 -15.37 13.25
N GLY A 27 13.40 -14.43 13.01
CA GLY A 27 14.04 -13.64 14.05
C GLY A 27 13.08 -12.87 14.95
N ILE A 28 12.25 -11.99 14.38
CA ILE A 28 11.32 -11.18 15.17
C ILE A 28 10.26 -12.03 15.86
N GLY A 29 9.73 -13.03 15.14
CA GLY A 29 8.72 -13.92 15.66
C GLY A 29 9.19 -14.68 16.91
N GLU A 30 10.34 -15.36 16.81
CA GLU A 30 10.91 -16.12 17.92
C GLU A 30 11.24 -15.27 19.13
N THR A 31 11.94 -14.15 18.93
CA THR A 31 12.31 -13.29 20.05
C THR A 31 11.08 -12.61 20.66
N THR A 32 10.03 -12.27 19.88
CA THR A 32 8.80 -11.70 20.46
C THR A 32 8.05 -12.76 21.27
N ALA A 33 8.05 -14.02 20.79
CA ALA A 33 7.44 -15.13 21.53
C ALA A 33 8.17 -15.32 22.86
N LYS A 34 9.53 -15.29 22.86
CA LYS A 34 10.32 -15.39 24.08
C LYS A 34 9.99 -14.29 25.08
N LEU A 35 9.82 -13.05 24.58
CA LEU A 35 9.50 -11.92 25.44
C LEU A 35 8.10 -12.01 25.98
N PHE A 36 7.11 -12.43 25.17
CA PHE A 36 5.74 -12.54 25.65
C PHE A 36 5.59 -13.59 26.74
N VAL A 37 6.28 -14.74 26.63
CA VAL A 37 6.29 -15.80 27.65
C VAL A 37 6.92 -15.22 28.92
N ARG A 38 8.05 -14.50 28.84
CA ARG A 38 8.69 -13.83 29.96
C ARG A 38 7.74 -12.87 30.66
N TYR A 39 6.85 -12.22 29.90
CA TYR A 39 5.88 -11.31 30.47
C TYR A 39 4.60 -11.95 30.93
N GLY A 40 4.53 -13.28 30.91
CA GLY A 40 3.40 -13.99 31.47
C GLY A 40 2.27 -14.34 30.51
N ALA A 41 2.49 -14.17 29.21
CA ALA A 41 1.50 -14.49 28.20
C ALA A 41 1.55 -15.97 27.78
N LYS A 42 0.41 -16.42 27.26
CA LYS A 42 0.29 -17.74 26.65
C LYS A 42 0.38 -17.42 25.16
N VAL A 43 1.21 -18.14 24.42
CA VAL A 43 1.41 -17.81 23.02
C VAL A 43 1.27 -18.99 22.09
N VAL A 44 0.68 -18.76 20.92
CA VAL A 44 0.60 -19.77 19.88
C VAL A 44 1.40 -19.25 18.69
N ILE A 45 2.53 -19.89 18.40
CA ILE A 45 3.39 -19.57 17.26
C ILE A 45 2.81 -20.24 16.01
N ALA A 46 2.85 -19.57 14.85
CA ALA A 46 2.40 -20.16 13.60
C ALA A 46 3.38 -19.84 12.49
N ASP A 47 3.68 -20.83 11.64
CA ASP A 47 4.53 -20.67 10.46
C ASP A 47 4.36 -21.85 9.52
N ILE A 48 4.73 -21.70 8.24
CA ILE A 48 4.68 -22.79 7.27
C ILE A 48 5.86 -23.74 7.44
N ALA A 49 6.96 -23.24 8.01
CA ALA A 49 8.12 -24.06 8.31
C ALA A 49 7.73 -24.80 9.58
N ASP A 50 7.06 -25.92 9.34
CA ASP A 50 6.42 -26.72 10.35
C ASP A 50 7.33 -27.45 11.32
N ASP A 51 8.25 -28.32 10.90
CA ASP A 51 9.14 -29.00 11.85
C ASP A 51 10.20 -28.06 12.43
N HIS A 52 10.49 -27.06 11.59
CA HIS A 52 11.48 -26.01 11.77
C HIS A 52 11.03 -24.96 12.80
N GLY A 53 9.71 -24.70 12.82
CA GLY A 53 9.09 -23.76 13.73
C GLY A 53 8.76 -24.37 15.08
N GLN A 54 8.45 -25.67 15.15
CA GLN A 54 8.19 -26.34 16.43
C GLN A 54 9.46 -26.72 17.17
N LYS A 55 10.55 -26.66 16.39
CA LYS A 55 11.93 -26.81 16.81
C LYS A 55 12.28 -25.55 17.62
N VAL A 56 11.83 -24.40 17.08
CA VAL A 56 11.93 -23.07 17.66
C VAL A 56 11.10 -22.91 18.94
N CYS A 57 9.87 -23.45 18.94
CA CYS A 57 8.96 -23.46 20.09
C CYS A 57 9.53 -24.29 21.24
N ASN A 58 10.26 -25.35 20.84
CA ASN A 58 11.00 -26.24 21.73
C ASN A 58 12.37 -25.60 21.96
N ASN A 59 12.33 -24.58 22.84
CA ASN A 59 13.46 -23.74 23.17
C ASN A 59 12.93 -22.66 24.10
N ILE A 60 11.89 -21.99 23.59
CA ILE A 60 11.22 -20.88 24.24
C ILE A 60 10.57 -21.30 25.57
N GLY A 61 9.63 -22.26 25.59
CA GLY A 61 8.98 -22.67 26.83
C GLY A 61 8.32 -24.05 26.73
N SER A 62 7.60 -24.35 27.82
CA SER A 62 6.86 -25.59 28.00
C SER A 62 5.50 -25.63 27.30
N PRO A 63 4.93 -26.80 26.93
CA PRO A 63 3.74 -26.93 26.09
C PRO A 63 2.45 -26.33 26.59
N ASP A 64 2.38 -26.06 27.89
CA ASP A 64 1.24 -25.40 28.49
C ASP A 64 1.17 -23.90 28.27
N VAL A 65 2.29 -23.20 27.96
CA VAL A 65 2.29 -21.77 27.69
C VAL A 65 2.62 -21.39 26.25
N ILE A 66 3.33 -22.28 25.55
CA ILE A 66 3.63 -22.04 24.16
C ILE A 66 3.40 -23.31 23.37
N SER A 67 2.83 -23.07 22.19
CA SER A 67 2.58 -24.12 21.21
C SER A 67 2.77 -23.61 19.78
N PHE A 68 2.91 -24.55 18.85
CA PHE A 68 3.12 -24.25 17.44
C PHE A 68 2.04 -24.86 16.55
N VAL A 69 1.40 -24.08 15.66
CA VAL A 69 0.57 -24.73 14.65
C VAL A 69 1.05 -24.28 13.28
N HIS A 70 1.05 -25.24 12.34
CA HIS A 70 1.41 -24.96 10.96
C HIS A 70 0.31 -24.10 10.35
N CYS A 71 0.73 -23.06 9.64
CA CYS A 71 -0.20 -22.15 9.03
C CYS A 71 0.43 -21.43 7.86
N ASP A 72 -0.22 -21.61 6.70
CA ASP A 72 0.06 -20.84 5.51
C ASP A 72 -0.96 -19.71 5.58
N VAL A 73 -0.46 -18.48 5.77
CA VAL A 73 -1.34 -17.32 5.93
C VAL A 73 -2.09 -16.89 4.69
N THR A 74 -1.78 -17.45 3.49
CA THR A 74 -2.55 -17.12 2.29
C THR A 74 -3.71 -18.09 2.09
N LYS A 75 -3.89 -19.03 3.05
CA LYS A 75 -4.96 -20.01 3.06
C LYS A 75 -5.90 -19.71 4.21
N ASP A 76 -7.11 -19.30 3.85
CA ASP A 76 -8.15 -18.96 4.80
C ASP A 76 -8.45 -20.09 5.76
N GLU A 77 -8.41 -21.31 5.26
CA GLU A 77 -8.63 -22.50 6.06
C GLU A 77 -7.52 -22.67 7.09
N ASP A 78 -6.25 -22.38 6.78
CA ASP A 78 -5.18 -22.45 7.79
C ASP A 78 -5.29 -21.37 8.86
N VAL A 79 -5.61 -20.12 8.48
CA VAL A 79 -5.73 -19.03 9.46
C VAL A 79 -6.95 -19.26 10.33
N ARG A 80 -8.08 -19.75 9.77
CA ARG A 80 -9.27 -20.07 10.57
C ARG A 80 -8.90 -21.11 11.62
N ASN A 81 -8.13 -22.14 11.19
CA ASN A 81 -7.63 -23.23 12.02
C ASN A 81 -6.82 -22.67 13.17
N LEU A 82 -5.86 -21.79 12.82
CA LEU A 82 -4.97 -21.19 13.79
C LEU A 82 -5.73 -20.48 14.90
N VAL A 83 -6.74 -19.67 14.50
CA VAL A 83 -7.48 -18.87 15.45
C VAL A 83 -8.43 -19.71 16.26
N ASP A 84 -9.17 -20.60 15.60
CA ASP A 84 -10.10 -21.48 16.29
C ASP A 84 -9.40 -22.40 17.28
N THR A 85 -8.19 -22.88 16.97
CA THR A 85 -7.37 -23.69 17.87
C THR A 85 -6.94 -22.89 19.10
N THR A 86 -6.60 -21.60 18.94
CA THR A 86 -6.17 -20.77 20.06
C THR A 86 -7.33 -20.52 21.03
N ILE A 87 -8.52 -20.26 20.48
CA ILE A 87 -9.72 -20.08 21.28
C ILE A 87 -10.09 -21.41 21.95
N ALA A 88 -9.98 -22.53 21.24
CA ALA A 88 -10.25 -23.85 21.85
C ALA A 88 -9.29 -24.11 23.01
N LYS A 89 -7.99 -23.88 22.81
CA LYS A 89 -6.99 -24.05 23.86
C LYS A 89 -7.07 -23.09 25.03
N HIS A 90 -7.20 -21.79 24.72
CA HIS A 90 -7.06 -20.75 25.73
C HIS A 90 -8.27 -19.91 26.09
N GLY A 91 -9.36 -20.04 25.35
CA GLY A 91 -10.60 -19.34 25.64
C GLY A 91 -10.74 -17.94 25.04
N LYS A 92 -9.63 -17.29 24.70
CA LYS A 92 -9.63 -15.92 24.21
C LYS A 92 -8.38 -15.59 23.39
N LEU A 93 -8.44 -14.47 22.67
CA LEU A 93 -7.30 -13.91 21.96
C LEU A 93 -7.23 -12.42 22.30
N ASP A 94 -6.16 -12.09 23.02
CA ASP A 94 -5.89 -10.71 23.37
C ASP A 94 -5.03 -9.96 22.35
N ILE A 95 -4.08 -10.67 21.74
CA ILE A 95 -3.07 -10.08 20.85
C ILE A 95 -2.90 -10.88 19.57
N MET A 96 -2.91 -10.23 18.41
CA MET A 96 -2.54 -10.90 17.17
C MET A 96 -1.35 -10.12 16.63
N PHE A 97 -0.22 -10.82 16.52
CA PHE A 97 0.95 -10.24 15.91
C PHE A 97 1.12 -10.87 14.56
N GLY A 98 0.69 -10.10 13.56
CA GLY A 98 0.78 -10.43 12.16
C GLY A 98 2.19 -10.13 11.69
N ASN A 99 3.07 -11.13 11.74
CA ASN A 99 4.46 -11.00 11.37
C ASN A 99 4.87 -11.83 10.14
N VAL A 100 4.18 -11.74 8.99
CA VAL A 100 4.69 -12.42 7.79
C VAL A 100 4.85 -11.42 6.67
N GLY A 101 6.07 -11.47 6.14
CA GLY A 101 6.48 -10.66 5.02
C GLY A 101 7.61 -11.39 4.32
N VAL A 102 7.52 -11.40 3.00
CA VAL A 102 8.57 -11.96 2.17
C VAL A 102 9.09 -10.88 1.23
N LEU A 103 10.34 -11.09 0.85
CA LEU A 103 11.06 -10.29 -0.12
C LEU A 103 10.80 -10.81 -1.55
N SER A 104 10.96 -9.94 -2.53
CA SER A 104 10.91 -10.34 -3.94
C SER A 104 12.06 -11.27 -4.24
N THR A 105 11.87 -12.22 -5.16
CA THR A 105 12.95 -13.09 -5.59
C THR A 105 13.37 -12.78 -7.02
N THR A 106 13.03 -11.60 -7.55
CA THR A 106 13.52 -11.18 -8.87
C THR A 106 14.22 -9.81 -8.74
N PRO A 107 14.96 -9.27 -9.72
CA PRO A 107 15.77 -8.06 -9.54
C PRO A 107 14.97 -6.79 -9.26
N TYR A 108 15.68 -5.84 -8.66
CA TYR A 108 15.12 -4.56 -8.31
C TYR A 108 14.58 -3.82 -9.52
N SER A 109 15.32 -3.71 -10.62
CA SER A 109 14.88 -2.95 -11.78
C SER A 109 13.49 -3.32 -12.27
N ILE A 110 12.63 -2.31 -12.47
CA ILE A 110 11.26 -2.48 -12.98
C ILE A 110 11.22 -3.26 -14.30
N LEU A 111 12.28 -3.15 -15.09
CA LEU A 111 12.46 -3.90 -16.32
C LEU A 111 12.72 -5.39 -16.11
N GLU A 112 13.30 -5.80 -14.98
CA GLU A 112 13.54 -7.20 -14.71
C GLU A 112 12.64 -7.72 -13.60
N ALA A 113 11.85 -6.86 -12.95
CA ALA A 113 11.02 -7.23 -11.82
C ALA A 113 10.08 -8.41 -11.96
N GLY A 114 9.33 -8.77 -12.97
CA GLY A 114 8.66 -10.10 -12.87
C GLY A 114 7.30 -10.11 -12.20
N ASN A 115 6.38 -10.48 -13.09
CA ASN A 115 4.95 -10.49 -12.85
C ASN A 115 4.44 -11.51 -11.88
N GLU A 116 4.92 -12.76 -11.97
CA GLU A 116 4.48 -13.79 -11.04
C GLU A 116 5.06 -13.60 -9.67
N ASP A 117 6.31 -13.10 -9.59
CA ASP A 117 6.90 -12.74 -8.30
C ASP A 117 6.10 -11.60 -7.65
N PHE A 118 5.67 -10.59 -8.44
CA PHE A 118 4.86 -9.50 -7.95
C PHE A 118 3.57 -10.03 -7.34
N LYS A 119 2.84 -10.89 -8.04
CA LYS A 119 1.64 -11.51 -7.49
C LYS A 119 1.85 -12.34 -6.22
N ARG A 120 2.93 -13.13 -6.14
CA ARG A 120 3.22 -13.94 -4.98
C ARG A 120 3.50 -13.13 -3.71
N VAL A 121 4.39 -12.11 -3.78
CA VAL A 121 4.74 -11.28 -2.61
C VAL A 121 3.50 -10.47 -2.15
N MET A 122 2.67 -10.00 -3.09
CA MET A 122 1.40 -9.35 -2.81
C MET A 122 0.41 -10.23 -2.05
N ASP A 123 0.29 -11.48 -2.50
CA ASP A 123 -0.57 -12.48 -1.87
C ASP A 123 -0.10 -12.78 -0.44
N ILE A 124 1.21 -12.95 -0.22
CA ILE A 124 1.71 -13.27 1.11
C ILE A 124 1.70 -12.05 2.03
N ASN A 125 2.27 -10.93 1.56
CA ASN A 125 2.43 -9.74 2.38
C ASN A 125 1.17 -8.94 2.67
N VAL A 126 0.23 -8.87 1.75
CA VAL A 126 -0.99 -8.11 1.98
C VAL A 126 -2.21 -8.99 2.18
N TYR A 127 -2.52 -9.93 1.27
CA TYR A 127 -3.68 -10.80 1.46
C TYR A 127 -3.49 -11.65 2.72
N GLY A 128 -2.28 -12.16 2.96
CA GLY A 128 -1.96 -12.91 4.17
C GLY A 128 -2.19 -12.09 5.43
N ALA A 129 -1.80 -10.79 5.44
CA ALA A 129 -2.06 -9.88 6.56
C ALA A 129 -3.55 -9.61 6.77
N PHE A 130 -4.33 -9.43 5.70
CA PHE A 130 -5.79 -9.27 5.74
C PHE A 130 -6.45 -10.49 6.38
N LEU A 131 -6.03 -11.72 6.00
CA LEU A 131 -6.63 -12.93 6.58
C LEU A 131 -6.41 -13.07 8.07
N VAL A 132 -5.18 -12.84 8.52
CA VAL A 132 -4.78 -12.91 9.92
C VAL A 132 -5.58 -11.91 10.74
N ALA A 133 -5.70 -10.66 10.23
CA ALA A 133 -6.48 -9.63 10.89
C ALA A 133 -7.98 -9.95 10.87
N LYS A 134 -8.49 -10.52 9.77
CA LYS A 134 -9.90 -10.88 9.65
C LYS A 134 -10.32 -11.91 10.67
N HIS A 135 -9.52 -12.98 10.83
CA HIS A 135 -9.82 -14.03 11.79
C HIS A 135 -9.55 -13.58 13.21
N ALA A 136 -8.57 -12.68 13.43
CA ALA A 136 -8.38 -12.12 14.76
C ALA A 136 -9.61 -11.28 15.08
N ALA A 137 -10.13 -10.44 14.16
CA ALA A 137 -11.30 -9.60 14.42
C ALA A 137 -12.56 -10.43 14.70
N ARG A 138 -12.80 -11.51 13.96
CA ARG A 138 -13.92 -12.42 14.18
C ARG A 138 -14.06 -12.90 15.63
N VAL A 139 -12.90 -13.22 16.22
CA VAL A 139 -12.74 -13.71 17.59
C VAL A 139 -12.65 -12.63 18.68
N MET A 140 -12.12 -11.45 18.31
CA MET A 140 -11.92 -10.33 19.23
C MET A 140 -13.11 -9.41 19.37
N ILE A 141 -13.84 -9.12 18.28
CA ILE A 141 -14.99 -8.24 18.33
C ILE A 141 -16.07 -8.70 19.32
N PRO A 142 -16.45 -9.98 19.54
CA PRO A 142 -17.40 -10.38 20.58
C PRO A 142 -16.98 -10.00 22.00
N ALA A 143 -15.66 -10.08 22.30
CA ALA A 143 -15.10 -9.74 23.61
C ALA A 143 -14.89 -8.23 23.81
N LYS A 144 -14.99 -7.41 22.74
CA LYS A 144 -14.76 -5.97 22.74
C LYS A 144 -13.39 -5.57 23.31
N LYS A 145 -12.37 -6.37 22.99
CA LYS A 145 -11.00 -6.20 23.49
C LYS A 145 -10.05 -6.81 22.48
N GLY A 146 -8.85 -6.24 22.33
CA GLY A 146 -7.86 -6.78 21.42
C GLY A 146 -6.88 -5.73 20.93
N SER A 147 -5.71 -6.26 20.59
CA SER A 147 -4.66 -5.46 20.01
C SER A 147 -4.06 -6.26 18.86
N ILE A 148 -4.10 -5.70 17.66
CA ILE A 148 -3.54 -6.32 16.47
C ILE A 148 -2.35 -5.46 16.05
N VAL A 149 -1.20 -6.14 15.89
CA VAL A 149 0.03 -5.48 15.46
C VAL A 149 0.54 -6.14 14.17
N PHE A 150 0.80 -5.33 13.15
CA PHE A 150 1.40 -5.83 11.93
C PHE A 150 2.88 -5.47 11.85
N THR A 151 3.71 -6.33 11.27
CA THR A 151 5.09 -5.95 10.99
C THR A 151 5.06 -5.28 9.63
N ALA A 152 5.40 -4.00 9.58
CA ALA A 152 5.51 -3.31 8.30
C ALA A 152 7.02 -3.20 8.02
N SER A 153 7.56 -2.00 7.80
CA SER A 153 8.96 -1.79 7.42
C SER A 153 9.08 -0.29 7.20
N ILE A 154 10.29 0.29 7.20
CA ILE A 154 10.41 1.68 6.79
C ILE A 154 9.98 1.81 5.33
N SER A 155 9.93 0.69 4.55
CA SER A 155 9.40 0.67 3.19
C SER A 155 7.89 0.90 3.14
N SER A 156 7.20 1.06 4.28
CA SER A 156 5.80 1.43 4.30
C SER A 156 5.60 2.92 4.01
N PHE A 157 6.67 3.71 3.98
CA PHE A 157 6.54 5.13 3.64
C PHE A 157 7.75 5.74 2.90
N THR A 158 8.78 4.93 2.61
CA THR A 158 9.94 5.36 1.84
C THR A 158 10.32 4.31 0.80
N ALA A 159 11.16 4.70 -0.14
CA ALA A 159 11.69 3.82 -1.16
C ALA A 159 13.16 3.58 -0.88
N GLY A 160 13.77 2.63 -1.59
CA GLY A 160 15.19 2.38 -1.43
C GLY A 160 15.74 1.65 -2.63
N GLU A 161 16.95 2.05 -3.04
CA GLU A 161 17.70 1.40 -4.11
C GLU A 161 17.96 -0.04 -3.64
N GLY A 162 17.61 -1.02 -4.49
CA GLY A 162 17.75 -2.42 -4.15
C GLY A 162 16.52 -2.98 -3.43
N VAL A 163 15.55 -2.15 -3.01
CA VAL A 163 14.32 -2.61 -2.35
C VAL A 163 13.29 -2.69 -3.45
N SER A 164 12.76 -3.91 -3.66
CA SER A 164 11.86 -4.12 -4.79
C SER A 164 10.62 -3.26 -4.73
N HIS A 165 10.11 -2.98 -5.93
CA HIS A 165 8.87 -2.23 -6.08
C HIS A 165 7.71 -2.98 -5.43
N VAL A 166 7.62 -4.34 -5.57
CA VAL A 166 6.53 -5.06 -4.91
C VAL A 166 6.70 -5.01 -3.38
N TYR A 167 7.90 -5.12 -2.81
CA TYR A 167 8.04 -5.09 -1.37
C TYR A 167 7.60 -3.72 -0.85
N THR A 168 8.00 -2.62 -1.51
CA THR A 168 7.59 -1.28 -1.08
C THR A 168 6.07 -1.13 -1.21
N ALA A 169 5.45 -1.58 -2.30
CA ALA A 169 4.01 -1.53 -2.47
C ALA A 169 3.26 -2.31 -1.40
N THR A 170 3.71 -3.52 -1.07
CA THR A 170 3.03 -4.32 -0.07
C THR A 170 3.23 -3.78 1.33
N LYS A 171 4.39 -3.18 1.68
CA LYS A 171 4.52 -2.59 3.01
C LYS A 171 3.72 -1.31 3.13
N HIS A 172 3.54 -0.53 2.06
CA HIS A 172 2.58 0.57 2.08
C HIS A 172 1.16 0.05 2.28
N ALA A 173 0.81 -1.07 1.62
CA ALA A 173 -0.50 -1.67 1.75
C ALA A 173 -0.78 -2.17 3.17
N VAL A 174 0.22 -2.71 3.89
CA VAL A 174 0.09 -3.14 5.29
C VAL A 174 -0.22 -1.96 6.19
N LEU A 175 0.42 -0.80 5.92
CA LEU A 175 0.06 0.41 6.65
C LEU A 175 -1.38 0.82 6.31
N GLY A 176 -1.81 0.68 5.05
CA GLY A 176 -3.18 0.92 4.65
C GLY A 176 -4.19 0.07 5.43
N LEU A 177 -3.89 -1.23 5.58
CA LEU A 177 -4.70 -2.16 6.34
C LEU A 177 -4.72 -1.75 7.82
N THR A 178 -3.59 -1.36 8.41
CA THR A 178 -3.50 -0.90 9.79
C THR A 178 -4.43 0.31 10.00
N THR A 179 -4.35 1.30 9.08
CA THR A 179 -5.15 2.50 9.11
C THR A 179 -6.64 2.21 8.96
N SER A 180 -7.05 1.45 7.92
CA SER A 180 -8.48 1.19 7.75
C SER A 180 -9.04 0.25 8.80
N LEU A 181 -8.28 -0.74 9.29
CA LEU A 181 -8.77 -1.59 10.35
C LEU A 181 -8.90 -0.87 11.68
N CYS A 182 -7.94 0.02 12.00
CA CYS A 182 -8.00 0.87 13.17
C CYS A 182 -9.31 1.68 13.17
N THR A 183 -9.71 2.21 12.01
CA THR A 183 -10.90 3.03 11.90
C THR A 183 -12.19 2.19 12.03
N GLU A 184 -12.20 0.92 11.60
CA GLU A 184 -13.40 0.12 11.79
C GLU A 184 -13.48 -0.41 13.21
N LEU A 185 -12.36 -0.99 13.66
CA LEU A 185 -12.34 -1.70 14.92
C LEU A 185 -12.27 -0.91 16.23
N GLY A 186 -11.97 0.40 16.18
CA GLY A 186 -11.99 1.27 17.35
C GLY A 186 -13.37 1.27 18.03
N GLU A 187 -14.41 1.06 17.21
CA GLU A 187 -15.79 1.01 17.66
C GLU A 187 -16.05 -0.12 18.66
N TYR A 188 -15.26 -1.20 18.56
CA TYR A 188 -15.31 -2.35 19.45
C TYR A 188 -14.23 -2.32 20.51
N GLY A 189 -13.49 -1.22 20.68
CA GLY A 189 -12.43 -1.14 21.68
C GLY A 189 -11.16 -1.88 21.30
N ILE A 190 -11.01 -2.26 20.02
CA ILE A 190 -9.84 -3.00 19.52
C ILE A 190 -8.87 -2.01 18.85
N ARG A 191 -7.58 -2.19 19.19
CA ARG A 191 -6.49 -1.38 18.63
C ARG A 191 -5.72 -2.11 17.52
N VAL A 192 -5.30 -1.35 16.50
CA VAL A 192 -4.57 -1.91 15.38
C VAL A 192 -3.41 -0.95 15.12
N ASN A 193 -2.19 -1.47 15.13
CA ASN A 193 -0.99 -0.69 14.91
C ASN A 193 0.03 -1.46 14.09
N CYS A 194 1.07 -0.79 13.57
CA CYS A 194 2.15 -1.54 12.95
C CYS A 194 3.51 -1.03 13.36
N VAL A 195 4.52 -1.89 13.17
CA VAL A 195 5.91 -1.53 13.47
C VAL A 195 6.73 -1.51 12.20
N SER A 196 7.57 -0.49 12.04
CA SER A 196 8.35 -0.28 10.83
C SER A 196 9.84 -0.21 11.10
N PRO A 197 10.56 -1.34 11.10
CA PRO A 197 12.00 -1.40 11.33
C PRO A 197 12.90 -1.02 10.16
N TYR A 198 14.13 -0.65 10.53
CA TYR A 198 15.27 -0.46 9.64
C TYR A 198 15.89 -1.89 9.46
N ILE A 199 17.18 -2.10 9.13
CA ILE A 199 17.81 -3.42 8.94
C ILE A 199 18.02 -4.11 10.29
N VAL A 200 17.34 -5.25 10.54
CA VAL A 200 17.43 -5.93 11.82
C VAL A 200 18.58 -6.90 11.77
N ALA A 201 19.50 -6.52 12.68
CA ALA A 201 20.79 -7.09 13.04
C ALA A 201 21.63 -7.66 11.91
N SER A 202 21.28 -8.89 11.53
CA SER A 202 21.93 -9.69 10.50
C SER A 202 22.04 -9.14 9.07
N PRO A 203 21.05 -9.23 8.18
CA PRO A 203 21.11 -9.87 6.85
C PRO A 203 22.34 -10.64 6.37
N LEU A 204 22.11 -11.89 5.93
CA LEU A 204 23.17 -12.76 5.45
C LEU A 204 23.01 -13.12 3.98
N LEU A 205 23.85 -12.43 3.19
CA LEU A 205 23.82 -12.51 1.74
C LEU A 205 24.92 -13.30 1.04
N THR A 206 25.39 -14.43 1.59
CA THR A 206 26.39 -15.30 0.94
C THR A 206 25.91 -15.93 -0.38
N ASP A 207 24.58 -16.01 -0.47
CA ASP A 207 23.79 -16.44 -1.62
C ASP A 207 24.11 -15.66 -2.89
N VAL A 208 24.22 -14.33 -2.74
CA VAL A 208 24.67 -13.48 -3.82
C VAL A 208 26.20 -13.30 -3.71
N PHE A 209 26.79 -12.35 -4.45
CA PHE A 209 28.22 -12.08 -4.36
C PHE A 209 28.64 -11.54 -3.00
N GLY A 210 29.26 -12.43 -2.22
CA GLY A 210 29.83 -12.12 -0.91
C GLY A 210 28.84 -11.57 0.13
N VAL A 211 29.44 -10.80 1.04
CA VAL A 211 28.85 -10.13 2.20
C VAL A 211 28.03 -11.01 3.13
N ASP A 212 28.57 -11.05 4.35
CA ASP A 212 28.01 -11.81 5.44
C ASP A 212 27.25 -10.95 6.44
N SER A 213 26.83 -11.57 7.55
CA SER A 213 26.05 -10.97 8.64
C SER A 213 26.69 -9.77 9.35
N SER A 214 27.88 -9.96 9.95
CA SER A 214 28.61 -8.92 10.66
C SER A 214 29.08 -7.79 9.75
N ARG A 215 29.23 -8.09 8.45
CA ARG A 215 29.53 -7.09 7.43
C ARG A 215 28.37 -6.18 7.13
N VAL A 216 27.16 -6.76 7.02
CA VAL A 216 25.94 -6.00 6.79
C VAL A 216 25.63 -5.19 8.04
N GLU A 217 25.84 -5.80 9.21
CA GLU A 217 25.69 -5.15 10.51
C GLU A 217 26.57 -3.89 10.61
N GLU A 218 27.82 -3.97 10.12
CA GLU A 218 28.76 -2.86 10.10
C GLU A 218 28.39 -1.72 9.16
N LEU A 219 27.93 -2.05 7.94
CA LEU A 219 27.48 -1.04 6.98
C LEU A 219 26.15 -0.40 7.35
N ALA A 220 25.29 -1.17 8.04
CA ALA A 220 24.01 -0.67 8.53
C ALA A 220 24.27 0.34 9.63
N HIS A 221 25.26 0.10 10.52
CA HIS A 221 25.63 1.08 11.55
C HIS A 221 26.33 2.27 10.91
N GLN A 222 27.17 2.04 9.90
CA GLN A 222 27.89 3.11 9.22
C GLN A 222 26.95 4.08 8.52
N ALA A 223 25.83 3.54 7.99
CA ALA A 223 24.79 4.29 7.32
C ALA A 223 23.67 4.76 8.26
N ALA A 224 23.72 4.33 9.52
CA ALA A 224 22.68 4.66 10.50
C ALA A 224 22.74 6.10 10.98
N ASN A 225 21.59 6.59 11.43
CA ASN A 225 21.54 7.87 12.08
C ASN A 225 21.99 7.69 13.52
N LEU A 226 21.41 6.71 14.23
CA LEU A 226 21.75 6.46 15.62
C LEU A 226 22.97 5.56 15.73
N LYS A 227 24.04 6.14 16.29
CA LYS A 227 25.29 5.43 16.45
C LYS A 227 25.44 4.81 17.82
N GLY A 228 26.38 3.87 17.89
CA GLY A 228 26.75 3.20 19.12
C GLY A 228 25.89 1.99 19.49
N THR A 229 24.95 1.60 18.62
CA THR A 229 24.08 0.46 18.84
C THR A 229 23.60 -0.08 17.48
N LEU A 230 23.15 -1.35 17.47
CA LEU A 230 22.59 -1.99 16.30
C LEU A 230 21.13 -2.25 16.56
N LEU A 231 20.29 -2.21 15.50
CA LEU A 231 18.90 -2.60 15.60
C LEU A 231 18.87 -4.12 15.76
N ARG A 232 18.22 -4.60 16.82
CA ARG A 232 18.08 -6.04 17.10
C ARG A 232 16.63 -6.50 17.05
N ALA A 233 16.42 -7.81 16.90
CA ALA A 233 15.09 -8.41 16.97
C ALA A 233 14.43 -8.15 18.32
N GLU A 234 15.26 -8.04 19.37
CA GLU A 234 14.83 -7.68 20.71
C GLU A 234 14.30 -6.25 20.76
N ASP A 235 14.83 -5.31 19.97
CA ASP A 235 14.28 -3.94 19.94
C ASP A 235 12.90 -3.92 19.30
N VAL A 236 12.74 -4.70 18.21
CA VAL A 236 11.44 -4.81 17.57
C VAL A 236 10.45 -5.51 18.50
N ALA A 237 10.82 -6.62 19.18
CA ALA A 237 10.00 -7.30 20.17
C ALA A 237 9.52 -6.36 21.26
N ASP A 238 10.40 -5.48 21.78
CA ASP A 238 10.03 -4.48 22.75
C ASP A 238 8.95 -3.54 22.23
N ALA A 239 9.03 -3.06 20.98
CA ALA A 239 7.99 -2.17 20.44
C ALA A 239 6.66 -2.92 20.28
N VAL A 240 6.71 -4.19 19.87
CA VAL A 240 5.52 -5.00 19.75
C VAL A 240 4.88 -5.21 21.11
N ALA A 241 5.70 -5.53 22.13
CA ALA A 241 5.22 -5.70 23.48
C ALA A 241 4.52 -4.46 24.02
N TYR A 242 5.04 -3.25 23.72
CA TYR A 242 4.42 -1.99 24.08
C TYR A 242 3.02 -1.88 23.47
N LEU A 243 2.91 -2.12 22.18
CA LEU A 243 1.65 -2.00 21.47
C LEU A 243 0.66 -3.08 21.84
N ALA A 244 1.19 -4.28 22.16
CA ALA A 244 0.39 -5.42 22.51
C ALA A 244 -0.28 -5.35 23.87
N GLY A 245 0.37 -4.73 24.85
CA GLY A 245 -0.15 -4.67 26.21
C GLY A 245 -1.00 -3.45 26.56
N ASP A 246 -1.14 -3.38 27.87
CA ASP A 246 -1.93 -2.39 28.59
C ASP A 246 -1.34 -1.02 28.74
N GLU A 247 -0.06 -0.85 28.44
CA GLU A 247 0.61 0.45 28.48
C GLU A 247 0.38 1.26 27.23
N SER A 248 -0.38 0.73 26.25
CA SER A 248 -0.67 1.50 25.05
C SER A 248 -2.19 1.54 24.79
N LYS A 249 -2.97 1.66 25.87
CA LYS A 249 -4.42 1.56 25.77
C LYS A 249 -5.17 2.60 24.96
N TYR A 250 -4.52 3.71 24.61
CA TYR A 250 -5.14 4.65 23.71
C TYR A 250 -4.31 4.82 22.44
N VAL A 251 -3.39 3.90 22.09
CA VAL A 251 -2.76 4.11 20.79
C VAL A 251 -3.23 3.05 19.81
N SER A 252 -3.74 3.63 18.73
CA SER A 252 -4.24 2.89 17.59
C SER A 252 -3.99 3.70 16.33
N GLY A 253 -3.71 2.99 15.23
CA GLY A 253 -3.41 3.61 13.95
C GLY A 253 -1.97 4.11 13.87
N LEU A 254 -1.12 3.72 14.82
CA LEU A 254 0.27 4.19 14.84
C LEU A 254 1.20 3.33 14.03
N ASN A 255 1.99 4.01 13.19
CA ASN A 255 3.10 3.35 12.52
C ASN A 255 4.32 3.60 13.41
N LEU A 256 4.66 2.62 14.23
CA LEU A 256 5.79 2.78 15.15
C LEU A 256 7.09 2.45 14.43
N VAL A 257 7.73 3.53 13.98
CA VAL A 257 9.01 3.47 13.27
C VAL A 257 10.14 3.23 14.26
N ILE A 258 10.96 2.21 13.99
CA ILE A 258 12.10 1.80 14.84
C ILE A 258 13.28 1.77 13.86
N ASP A 259 13.85 2.93 13.60
CA ASP A 259 14.92 3.05 12.63
C ASP A 259 16.04 3.97 13.11
N GLY A 260 16.02 4.36 14.40
CA GLY A 260 17.02 5.25 15.01
C GLY A 260 17.10 6.60 14.32
N GLY A 261 16.03 7.01 13.61
CA GLY A 261 15.98 8.27 12.91
C GLY A 261 16.51 8.18 11.49
N TYR A 262 16.86 6.99 10.99
CA TYR A 262 17.36 6.84 9.63
C TYR A 262 16.53 7.54 8.55
N THR A 263 15.20 7.46 8.61
CA THR A 263 14.37 8.01 7.55
C THR A 263 14.07 9.48 7.72
N ARG A 264 14.62 10.15 8.75
CA ARG A 264 14.34 11.58 8.96
C ARG A 264 15.14 12.55 8.13
N THR A 265 16.08 12.03 7.32
CA THR A 265 16.96 12.83 6.47
C THR A 265 17.46 12.00 5.27
N ASN A 266 17.82 12.72 4.21
CA ASN A 266 18.56 12.13 3.12
C ASN A 266 19.88 12.89 3.18
N PRO A 267 20.97 12.25 3.62
CA PRO A 267 22.28 12.86 3.79
C PRO A 267 23.07 13.08 2.53
N ALA A 268 22.52 12.79 1.34
CA ALA A 268 23.28 12.86 0.08
C ALA A 268 23.80 14.23 -0.27
N PHE A 269 22.97 15.27 -0.19
CA PHE A 269 23.48 16.61 -0.46
C PHE A 269 24.45 17.14 0.62
N PRO A 270 24.22 17.06 1.95
CA PRO A 270 25.23 17.31 3.00
C PRO A 270 26.56 16.61 2.79
N THR A 271 26.51 15.36 2.36
CA THR A 271 27.69 14.59 2.06
C THR A 271 28.40 15.12 0.81
N ALA A 272 27.66 15.52 -0.24
CA ALA A 272 28.19 16.09 -1.47
C ALA A 272 28.92 17.39 -1.18
N LEU A 273 28.40 18.32 -0.36
CA LEU A 273 29.19 19.50 0.08
C LEU A 273 30.06 18.88 1.18
N LYS A 274 31.20 18.34 0.74
CA LYS A 274 32.04 17.47 1.55
C LYS A 274 32.24 17.60 3.05
N HIS A 275 32.59 16.43 3.60
CA HIS A 275 32.96 16.26 4.99
C HIS A 275 34.47 16.45 5.12
N GLY A 276 35.22 15.70 4.29
CA GLY A 276 36.67 15.77 4.29
C GLY A 276 37.31 14.62 3.51
N LEU A 277 37.94 15.00 2.41
CA LEU A 277 38.64 14.07 1.52
C LEU A 277 40.15 13.94 1.74
N ALA A 278 40.76 14.84 2.30
N THR B 11 -2.86 25.17 -24.58
CA THR B 11 -3.36 24.50 -25.77
C THR B 11 -2.29 24.09 -26.80
N ASN B 12 -1.08 24.23 -26.27
CA ASN B 12 0.16 23.83 -26.89
C ASN B 12 1.12 23.48 -25.74
N ARG B 13 0.56 23.44 -24.53
CA ARG B 13 1.24 23.08 -23.29
C ARG B 13 1.84 21.68 -23.41
N LEU B 14 1.13 20.83 -24.15
CA LEU B 14 1.56 19.46 -24.37
C LEU B 14 1.75 19.19 -25.86
N GLN B 15 2.06 20.23 -26.65
CA GLN B 15 2.19 20.15 -28.10
C GLN B 15 3.11 19.01 -28.55
N ASP B 16 2.51 18.10 -29.34
CA ASP B 16 3.11 16.86 -29.87
C ASP B 16 3.61 15.82 -28.86
N LYS B 17 3.13 15.90 -27.61
CA LYS B 17 3.45 14.87 -26.63
C LYS B 17 2.52 13.69 -26.87
N VAL B 18 3.01 12.48 -26.66
CA VAL B 18 2.21 11.27 -26.83
C VAL B 18 1.88 10.73 -25.44
N ALA B 19 0.59 10.55 -25.22
CA ALA B 19 0.08 10.09 -23.95
C ALA B 19 -0.77 8.84 -24.03
N ILE B 20 -0.57 7.88 -23.13
CA ILE B 20 -1.50 6.76 -22.97
C ILE B 20 -2.29 7.00 -21.68
N ILE B 21 -3.61 6.86 -21.78
CA ILE B 21 -4.52 6.96 -20.64
C ILE B 21 -5.24 5.63 -20.54
N THR B 22 -5.05 4.92 -19.42
CA THR B 22 -5.83 3.71 -19.16
C THR B 22 -7.11 4.09 -18.38
N GLY B 23 -8.09 3.22 -18.18
CA GLY B 23 -9.35 3.62 -17.56
C GLY B 23 -10.19 4.17 -18.70
N GLY B 24 -10.19 5.49 -18.89
CA GLY B 24 -10.75 6.12 -20.09
C GLY B 24 -12.27 6.16 -20.26
N ALA B 25 -12.96 5.07 -19.94
CA ALA B 25 -14.41 5.01 -19.99
C ALA B 25 -14.84 5.03 -18.54
N GLY B 26 -14.68 6.21 -17.92
CA GLY B 26 -15.00 6.36 -16.50
C GLY B 26 -15.30 7.79 -16.03
N GLY B 27 -14.73 8.82 -16.66
CA GLY B 27 -14.97 10.20 -16.24
C GLY B 27 -13.68 10.99 -16.19
N ILE B 28 -12.77 10.65 -15.26
CA ILE B 28 -11.45 11.25 -15.14
C ILE B 28 -10.64 10.95 -16.39
N GLY B 29 -10.66 9.70 -16.90
CA GLY B 29 -9.93 9.33 -18.11
C GLY B 29 -10.40 10.06 -19.37
N GLU B 30 -11.72 10.19 -19.52
CA GLU B 30 -12.39 10.86 -20.64
C GLU B 30 -12.07 12.34 -20.64
N THR B 31 -12.24 12.96 -19.46
CA THR B 31 -11.99 14.38 -19.26
C THR B 31 -10.51 14.73 -19.45
N THR B 32 -9.57 13.92 -18.92
CA THR B 32 -8.14 14.16 -19.09
C THR B 32 -7.75 13.98 -20.55
N ALA B 33 -8.37 13.03 -21.27
CA ALA B 33 -8.09 12.84 -22.70
C ALA B 33 -8.50 14.08 -23.48
N LYS B 34 -9.66 14.68 -23.14
CA LYS B 34 -10.16 15.89 -23.79
C LYS B 34 -9.22 17.06 -23.59
N LEU B 35 -8.72 17.18 -22.35
CA LEU B 35 -7.78 18.23 -21.99
C LEU B 35 -6.44 18.06 -22.69
N PHE B 36 -5.89 16.85 -22.68
CA PHE B 36 -4.63 16.58 -23.36
C PHE B 36 -4.71 16.92 -24.85
N VAL B 37 -5.83 16.59 -25.53
CA VAL B 37 -6.00 16.90 -26.94
C VAL B 37 -6.07 18.42 -27.13
N ARG B 38 -6.85 19.11 -26.28
CA ARG B 38 -6.94 20.56 -26.26
C ARG B 38 -5.57 21.20 -26.12
N TYR B 39 -4.68 20.58 -25.34
CA TYR B 39 -3.33 21.05 -25.18
C TYR B 39 -2.35 20.57 -26.25
N GLY B 40 -2.82 19.88 -27.31
CA GLY B 40 -1.97 19.53 -28.44
C GLY B 40 -1.32 18.16 -28.42
N ALA B 41 -1.71 17.31 -27.47
CA ALA B 41 -1.15 15.97 -27.41
C ALA B 41 -1.93 14.98 -28.29
N LYS B 42 -1.20 13.92 -28.64
CA LYS B 42 -1.73 12.75 -29.31
C LYS B 42 -1.96 11.74 -28.19
N VAL B 43 -3.18 11.21 -28.08
CA VAL B 43 -3.54 10.31 -27.00
C VAL B 43 -4.11 8.99 -27.47
N VAL B 44 -3.71 7.93 -26.76
CA VAL B 44 -4.22 6.59 -26.96
C VAL B 44 -4.98 6.23 -25.68
N ILE B 45 -6.31 6.09 -25.84
CA ILE B 45 -7.19 5.64 -24.77
C ILE B 45 -7.26 4.11 -24.72
N ALA B 46 -7.17 3.55 -23.52
CA ALA B 46 -7.28 2.12 -23.33
C ALA B 46 -8.28 1.76 -22.24
N ASP B 47 -8.99 0.64 -22.48
CA ASP B 47 -9.83 -0.07 -21.52
C ASP B 47 -10.45 -1.33 -22.10
N ILE B 48 -10.89 -2.22 -21.19
CA ILE B 48 -11.54 -3.47 -21.56
C ILE B 48 -12.95 -3.28 -22.08
N ALA B 49 -13.75 -2.44 -21.41
CA ALA B 49 -15.15 -2.22 -21.74
C ALA B 49 -15.47 -1.83 -23.18
N ASP B 50 -14.42 -1.39 -23.91
CA ASP B 50 -14.46 -0.84 -25.26
C ASP B 50 -15.44 0.34 -25.39
N ASP B 51 -15.27 1.16 -24.34
CA ASP B 51 -16.02 2.36 -23.98
C ASP B 51 -17.53 2.22 -23.91
N HIS B 52 -18.18 3.37 -23.68
CA HIS B 52 -19.62 3.49 -23.59
C HIS B 52 -20.29 3.21 -24.94
N GLY B 53 -19.75 3.75 -26.04
CA GLY B 53 -20.28 3.50 -27.37
C GLY B 53 -19.28 3.70 -28.51
N GLN B 54 -18.89 4.97 -28.67
CA GLN B 54 -17.96 5.42 -29.71
C GLN B 54 -17.58 6.88 -29.42
N LYS B 55 -18.62 7.69 -29.13
CA LYS B 55 -18.48 9.11 -28.82
C LYS B 55 -17.75 9.50 -27.54
N VAL B 56 -17.15 8.52 -26.85
CA VAL B 56 -16.24 8.78 -25.76
C VAL B 56 -14.89 8.82 -26.45
N CYS B 57 -14.06 7.77 -26.51
CA CYS B 57 -12.75 7.83 -27.12
C CYS B 57 -12.61 8.42 -28.52
N ASN B 58 -13.47 8.07 -29.49
CA ASN B 58 -13.33 8.61 -30.84
C ASN B 58 -13.85 10.03 -30.99
N ASN B 59 -14.84 10.45 -30.17
CA ASN B 59 -15.35 11.82 -30.25
C ASN B 59 -15.21 12.59 -28.92
N ILE B 60 -13.94 12.51 -28.48
CA ILE B 60 -13.33 13.27 -27.41
C ILE B 60 -12.53 14.31 -28.20
N GLY B 61 -11.78 13.78 -29.17
CA GLY B 61 -11.06 14.55 -30.16
C GLY B 61 -11.33 13.88 -31.50
N SER B 62 -10.64 14.30 -32.55
CA SER B 62 -10.80 13.67 -33.85
C SER B 62 -9.87 12.46 -34.02
N PRO B 63 -10.13 11.50 -34.93
CA PRO B 63 -9.31 10.29 -35.12
C PRO B 63 -7.85 10.54 -35.40
N ASP B 64 -7.44 11.75 -35.80
CA ASP B 64 -6.01 12.03 -36.04
C ASP B 64 -5.22 12.26 -34.75
N VAL B 65 -5.92 12.59 -33.66
CA VAL B 65 -5.27 12.86 -32.39
C VAL B 65 -5.60 11.86 -31.30
N ILE B 66 -6.70 11.13 -31.41
CA ILE B 66 -7.06 10.15 -30.43
C ILE B 66 -7.43 8.82 -31.05
N SER B 67 -7.01 7.76 -30.38
CA SER B 67 -7.34 6.40 -30.78
C SER B 67 -7.65 5.58 -29.55
N PHE B 68 -8.42 4.51 -29.79
CA PHE B 68 -8.83 3.56 -28.76
C PHE B 68 -8.24 2.17 -28.98
N VAL B 69 -7.84 1.58 -27.85
CA VAL B 69 -7.24 0.27 -27.76
C VAL B 69 -7.91 -0.51 -26.61
N HIS B 70 -8.40 -1.71 -26.90
CA HIS B 70 -8.92 -2.58 -25.87
C HIS B 70 -7.73 -3.07 -25.04
N CYS B 71 -7.85 -2.98 -23.72
CA CYS B 71 -6.76 -3.41 -22.87
C CYS B 71 -7.26 -3.76 -21.49
N ASP B 72 -6.97 -4.98 -21.06
CA ASP B 72 -7.24 -5.40 -19.69
C ASP B 72 -5.88 -5.22 -19.01
N VAL B 73 -5.79 -4.28 -18.04
CA VAL B 73 -4.51 -3.99 -17.38
C VAL B 73 -3.94 -5.11 -16.51
N THR B 74 -4.73 -6.16 -16.21
CA THR B 74 -4.20 -7.30 -15.46
C THR B 74 -3.56 -8.34 -16.38
N LYS B 75 -3.59 -8.10 -17.69
CA LYS B 75 -2.99 -8.98 -18.68
C LYS B 75 -1.78 -8.31 -19.29
N ASP B 76 -0.58 -8.86 -18.97
CA ASP B 76 0.70 -8.40 -19.48
C ASP B 76 0.74 -8.30 -21.00
N GLU B 77 0.17 -9.28 -21.72
CA GLU B 77 0.10 -9.23 -23.17
C GLU B 77 -0.69 -8.01 -23.69
N ASP B 78 -1.79 -7.63 -23.01
CA ASP B 78 -2.61 -6.48 -23.40
C ASP B 78 -1.87 -5.16 -23.19
N VAL B 79 -1.16 -5.03 -22.06
CA VAL B 79 -0.43 -3.80 -21.76
C VAL B 79 0.78 -3.70 -22.68
N ARG B 80 1.47 -4.82 -22.95
CA ARG B 80 2.57 -4.89 -23.90
C ARG B 80 2.10 -4.41 -25.26
N ASN B 81 0.94 -4.91 -25.72
CA ASN B 81 0.36 -4.51 -26.99
C ASN B 81 -0.04 -3.04 -26.98
N LEU B 82 -0.58 -2.51 -25.87
CA LEU B 82 -0.97 -1.10 -25.81
C LEU B 82 0.22 -0.17 -26.05
N VAL B 83 1.33 -0.45 -25.36
CA VAL B 83 2.53 0.37 -25.47
C VAL B 83 3.20 0.20 -26.82
N ASP B 84 3.39 -1.03 -27.26
CA ASP B 84 3.99 -1.25 -28.56
C ASP B 84 3.18 -0.73 -29.74
N THR B 85 1.86 -0.80 -29.67
CA THR B 85 0.97 -0.18 -30.65
C THR B 85 1.18 1.33 -30.74
N THR B 86 1.35 1.95 -29.56
CA THR B 86 1.52 3.39 -29.43
C THR B 86 2.86 3.84 -30.00
N ILE B 87 3.92 3.06 -29.75
CA ILE B 87 5.24 3.41 -30.25
C ILE B 87 5.21 3.23 -31.77
N ALA B 88 4.49 2.22 -32.26
CA ALA B 88 4.36 2.00 -33.68
C ALA B 88 3.65 3.16 -34.38
N LYS B 89 2.56 3.67 -33.78
CA LYS B 89 1.74 4.79 -34.27
C LYS B 89 2.38 6.17 -34.23
N HIS B 90 3.00 6.48 -33.08
CA HIS B 90 3.51 7.81 -32.80
C HIS B 90 5.02 7.86 -32.57
N GLY B 91 5.74 6.74 -32.53
CA GLY B 91 7.19 6.77 -32.42
C GLY B 91 7.79 6.98 -31.03
N LYS B 92 6.98 7.36 -30.03
CA LYS B 92 7.45 7.63 -28.67
C LYS B 92 6.29 7.62 -27.69
N LEU B 93 6.65 7.58 -26.41
CA LEU B 93 5.68 7.70 -25.33
C LEU B 93 6.19 8.74 -24.35
N ASP B 94 5.51 9.86 -24.21
CA ASP B 94 5.92 10.87 -23.24
C ASP B 94 5.27 10.76 -21.88
N ILE B 95 3.98 10.38 -21.86
CA ILE B 95 3.14 10.36 -20.68
C ILE B 95 2.37 9.04 -20.59
N MET B 96 2.38 8.44 -19.40
CA MET B 96 1.56 7.31 -19.07
C MET B 96 0.69 7.73 -17.92
N PHE B 97 -0.62 7.76 -18.14
CA PHE B 97 -1.58 8.01 -17.09
C PHE B 97 -2.34 6.71 -16.76
N GLY B 98 -1.92 6.10 -15.65
CA GLY B 98 -2.51 4.89 -15.11
C GLY B 98 -3.73 5.27 -14.29
N ASN B 99 -4.91 5.16 -14.90
CA ASN B 99 -6.14 5.53 -14.25
C ASN B 99 -7.13 4.36 -14.05
N VAL B 100 -6.66 3.15 -13.71
CA VAL B 100 -7.59 2.05 -13.44
C VAL B 100 -7.62 1.77 -11.95
N GLY B 101 -8.84 1.81 -11.41
CA GLY B 101 -9.10 1.58 -9.99
C GLY B 101 -10.52 1.08 -9.85
N VAL B 102 -10.70 -0.04 -9.18
CA VAL B 102 -12.02 -0.62 -9.00
C VAL B 102 -12.33 -0.60 -7.51
N LEU B 103 -13.61 -0.62 -7.16
CA LEU B 103 -14.05 -0.66 -5.77
C LEU B 103 -14.36 -2.07 -5.33
N SER B 104 -14.45 -2.28 -4.02
CA SER B 104 -14.87 -3.56 -3.48
C SER B 104 -16.36 -3.84 -3.81
N THR B 105 -16.61 -5.13 -4.00
CA THR B 105 -17.90 -5.70 -4.40
C THR B 105 -18.61 -6.37 -3.22
N THR B 106 -17.93 -6.34 -2.08
CA THR B 106 -18.31 -7.06 -0.88
C THR B 106 -18.50 -6.09 0.30
N PRO B 107 -19.09 -6.44 1.46
CA PRO B 107 -19.30 -5.53 2.57
C PRO B 107 -18.04 -4.95 3.22
N TYR B 108 -18.21 -3.68 3.62
CA TYR B 108 -17.26 -3.00 4.47
C TYR B 108 -17.61 -3.64 5.79
N SER B 109 -16.58 -4.09 6.44
CA SER B 109 -16.63 -4.73 7.74
C SER B 109 -15.80 -5.93 7.47
N ILE B 110 -14.71 -5.96 8.23
CA ILE B 110 -13.78 -7.06 8.18
C ILE B 110 -14.44 -8.41 8.39
N LEU B 111 -15.57 -8.42 9.13
CA LEU B 111 -16.32 -9.64 9.37
C LEU B 111 -17.00 -10.16 8.12
N GLU B 112 -17.31 -9.31 7.15
CA GLU B 112 -17.97 -9.72 5.92
C GLU B 112 -17.17 -9.51 4.64
N ALA B 113 -16.08 -8.74 4.67
CA ALA B 113 -15.25 -8.49 3.52
C ALA B 113 -14.70 -9.79 2.90
N GLY B 114 -14.87 -9.92 1.59
CA GLY B 114 -14.57 -11.09 0.78
C GLY B 114 -13.12 -11.29 0.41
N ASN B 115 -12.72 -12.56 0.52
CA ASN B 115 -11.38 -13.00 0.22
C ASN B 115 -11.07 -12.93 -1.25
N GLU B 116 -11.92 -13.49 -2.11
CA GLU B 116 -11.76 -13.43 -3.56
C GLU B 116 -11.87 -11.98 -4.07
N ASP B 117 -12.75 -11.20 -3.43
CA ASP B 117 -12.91 -9.80 -3.75
C ASP B 117 -11.62 -9.09 -3.35
N PHE B 118 -11.00 -9.37 -2.20
CA PHE B 118 -9.71 -8.75 -1.83
C PHE B 118 -8.69 -9.05 -2.93
N LYS B 119 -8.58 -10.30 -3.37
CA LYS B 119 -7.64 -10.67 -4.41
C LYS B 119 -7.91 -10.04 -5.76
N ARG B 120 -9.18 -9.88 -6.15
CA ARG B 120 -9.56 -9.25 -7.41
C ARG B 120 -9.18 -7.77 -7.44
N VAL B 121 -9.52 -7.01 -6.38
CA VAL B 121 -9.25 -5.58 -6.36
C VAL B 121 -7.75 -5.37 -6.27
N MET B 122 -6.98 -6.19 -5.55
CA MET B 122 -5.51 -6.05 -5.53
C MET B 122 -4.88 -6.25 -6.89
N ASP B 123 -5.40 -7.25 -7.60
CA ASP B 123 -4.92 -7.58 -8.92
C ASP B 123 -5.15 -6.44 -9.91
N ILE B 124 -6.34 -5.84 -9.90
CA ILE B 124 -6.67 -4.72 -10.79
C ILE B 124 -5.96 -3.42 -10.41
N ASN B 125 -6.09 -3.09 -9.12
CA ASN B 125 -5.60 -1.83 -8.61
C ASN B 125 -4.10 -1.74 -8.42
N VAL B 126 -3.42 -2.83 -8.03
CA VAL B 126 -2.00 -2.75 -7.77
C VAL B 126 -1.14 -3.42 -8.85
N TYR B 127 -1.41 -4.70 -9.13
CA TYR B 127 -0.69 -5.37 -10.22
C TYR B 127 -0.93 -4.69 -11.55
N GLY B 128 -2.15 -4.24 -11.89
CA GLY B 128 -2.44 -3.53 -13.14
C GLY B 128 -1.60 -2.25 -13.25
N ALA B 129 -1.51 -1.47 -12.16
CA ALA B 129 -0.65 -0.28 -12.09
C ALA B 129 0.81 -0.65 -12.30
N PHE B 130 1.32 -1.71 -11.66
CA PHE B 130 2.66 -2.24 -11.86
C PHE B 130 2.92 -2.52 -13.34
N LEU B 131 2.00 -3.21 -14.01
CA LEU B 131 2.19 -3.52 -15.43
C LEU B 131 2.26 -2.31 -16.35
N VAL B 132 1.37 -1.34 -16.13
CA VAL B 132 1.29 -0.12 -16.90
C VAL B 132 2.58 0.68 -16.78
N ALA B 133 3.08 0.76 -15.55
CA ALA B 133 4.34 1.41 -15.23
C ALA B 133 5.52 0.64 -15.82
N LYS B 134 5.55 -0.70 -15.69
CA LYS B 134 6.59 -1.56 -16.25
C LYS B 134 6.76 -1.40 -17.78
N HIS B 135 5.64 -1.42 -18.51
CA HIS B 135 5.71 -1.26 -19.96
C HIS B 135 5.97 0.20 -20.34
N ALA B 136 5.47 1.19 -19.58
CA ALA B 136 5.83 2.58 -19.82
C ALA B 136 7.34 2.77 -19.63
N ALA B 137 7.92 2.25 -18.55
CA ALA B 137 9.36 2.32 -18.28
C ALA B 137 10.17 1.64 -19.38
N ARG B 138 9.70 0.53 -19.93
CA ARG B 138 10.43 -0.17 -20.99
C ARG B 138 10.68 0.72 -22.22
N VAL B 139 9.72 1.57 -22.60
CA VAL B 139 9.91 2.44 -23.76
C VAL B 139 10.42 3.81 -23.37
N MET B 140 10.27 4.25 -22.12
CA MET B 140 10.76 5.57 -21.70
C MET B 140 12.21 5.55 -21.29
N ILE B 141 12.69 4.50 -20.61
CA ILE B 141 14.08 4.45 -20.13
C ILE B 141 15.10 4.63 -21.24
N PRO B 142 15.03 4.00 -22.42
CA PRO B 142 15.91 4.30 -23.54
C PRO B 142 15.91 5.74 -24.07
N ALA B 143 14.77 6.48 -23.99
CA ALA B 143 14.64 7.90 -24.38
C ALA B 143 15.13 8.90 -23.32
N LYS B 144 15.21 8.39 -22.08
CA LYS B 144 15.55 9.09 -20.85
C LYS B 144 14.65 10.31 -20.63
N LYS B 145 13.37 10.09 -20.94
CA LYS B 145 12.29 11.07 -20.87
C LYS B 145 11.02 10.37 -20.46
N GLY B 146 10.22 11.01 -19.63
CA GLY B 146 8.93 10.42 -19.30
C GLY B 146 8.31 10.97 -18.03
N SER B 147 6.98 10.93 -18.03
CA SER B 147 6.19 11.30 -16.89
C SER B 147 5.08 10.26 -16.76
N ILE B 148 5.10 9.53 -15.64
CA ILE B 148 4.12 8.51 -15.30
C ILE B 148 3.26 9.06 -14.16
N VAL B 149 1.93 9.09 -14.31
CA VAL B 149 1.01 9.59 -13.31
C VAL B 149 0.03 8.47 -12.98
N PHE B 150 -0.13 8.16 -11.70
CA PHE B 150 -1.13 7.19 -11.26
C PHE B 150 -2.29 7.90 -10.62
N THR B 151 -3.51 7.38 -10.79
CA THR B 151 -4.65 7.87 -10.01
C THR B 151 -4.66 7.11 -8.69
N ALA B 152 -4.47 7.82 -7.59
CA ALA B 152 -4.60 7.20 -6.29
C ALA B 152 -5.94 7.65 -5.69
N SER B 153 -5.99 8.21 -4.48
CA SER B 153 -7.22 8.58 -3.78
C SER B 153 -6.79 9.16 -2.44
N ILE B 154 -7.64 9.92 -1.73
CA ILE B 154 -7.28 10.26 -0.35
C ILE B 154 -7.17 8.99 0.50
N SER B 155 -7.71 7.86 0.01
CA SER B 155 -7.57 6.54 0.63
C SER B 155 -6.14 6.00 0.57
N SER B 156 -5.20 6.68 -0.12
CA SER B 156 -3.78 6.33 -0.14
C SER B 156 -3.07 6.72 1.15
N PHE B 157 -3.72 7.49 2.05
CA PHE B 157 -3.13 7.84 3.34
C PHE B 157 -4.15 8.01 4.47
N THR B 158 -5.46 7.89 4.24
CA THR B 158 -6.51 8.00 5.24
C THR B 158 -7.48 6.84 5.08
N ALA B 159 -8.25 6.57 6.14
CA ALA B 159 -9.27 5.53 6.13
C ALA B 159 -10.63 6.19 6.09
N GLY B 160 -11.69 5.40 5.90
CA GLY B 160 -13.03 5.96 5.91
C GLY B 160 -14.04 4.88 6.19
N GLU B 161 -15.05 5.23 7.00
CA GLU B 161 -16.16 4.33 7.26
C GLU B 161 -16.86 4.08 5.93
N GLY B 162 -17.03 2.79 5.60
CA GLY B 162 -17.63 2.42 4.32
C GLY B 162 -16.63 2.30 3.17
N VAL B 163 -15.37 2.76 3.29
CA VAL B 163 -14.39 2.60 2.23
C VAL B 163 -13.72 1.29 2.58
N SER B 164 -13.79 0.31 1.68
CA SER B 164 -13.31 -1.02 2.01
C SER B 164 -11.84 -1.10 2.35
N HIS B 165 -11.49 -2.08 3.19
CA HIS B 165 -10.10 -2.31 3.58
C HIS B 165 -9.22 -2.62 2.37
N VAL B 166 -9.69 -3.42 1.37
CA VAL B 166 -8.91 -3.68 0.15
C VAL B 166 -8.66 -2.38 -0.58
N TYR B 167 -9.68 -1.52 -0.75
CA TYR B 167 -9.49 -0.31 -1.53
C TYR B 167 -8.48 0.61 -0.86
N THR B 168 -8.54 0.83 0.47
CA THR B 168 -7.52 1.69 1.04
C THR B 168 -6.20 0.96 1.09
N ALA B 169 -6.07 -0.38 1.28
CA ALA B 169 -4.77 -1.04 1.10
C ALA B 169 -4.21 -0.91 -0.32
N THR B 170 -5.04 -0.98 -1.39
CA THR B 170 -4.54 -0.85 -2.75
C THR B 170 -4.14 0.58 -3.09
N LYS B 171 -4.83 1.62 -2.58
CA LYS B 171 -4.46 2.99 -2.87
C LYS B 171 -3.20 3.37 -2.11
N HIS B 172 -2.99 2.83 -0.90
CA HIS B 172 -1.71 2.98 -0.21
C HIS B 172 -0.62 2.30 -1.05
N ALA B 173 -0.89 1.11 -1.63
CA ALA B 173 0.08 0.40 -2.47
C ALA B 173 0.41 1.19 -3.75
N VAL B 174 -0.55 1.87 -4.43
CA VAL B 174 -0.27 2.71 -5.60
C VAL B 174 0.64 3.88 -5.18
N LEU B 175 0.42 4.49 -4.01
CA LEU B 175 1.35 5.50 -3.48
C LEU B 175 2.73 4.85 -3.30
N GLY B 176 2.82 3.60 -2.77
CA GLY B 176 4.09 2.88 -2.65
C GLY B 176 4.82 2.66 -3.98
N LEU B 177 4.08 2.28 -5.03
CA LEU B 177 4.64 2.12 -6.37
C LEU B 177 5.09 3.48 -6.89
N THR B 178 4.35 4.57 -6.65
CA THR B 178 4.76 5.91 -7.09
C THR B 178 6.11 6.27 -6.45
N THR B 179 6.25 6.05 -5.13
CA THR B 179 7.48 6.35 -4.40
C THR B 179 8.65 5.46 -4.86
N SER B 180 8.41 4.15 -4.97
CA SER B 180 9.45 3.23 -5.38
C SER B 180 9.93 3.47 -6.82
N LEU B 181 9.00 3.68 -7.76
CA LEU B 181 9.34 3.91 -9.17
C LEU B 181 10.03 5.27 -9.36
N CYS B 182 9.56 6.31 -8.65
CA CYS B 182 10.20 7.62 -8.62
C CYS B 182 11.69 7.50 -8.27
N THR B 183 12.02 6.68 -7.27
CA THR B 183 13.39 6.50 -6.82
C THR B 183 14.23 5.71 -7.83
N GLU B 184 13.68 4.73 -8.56
CA GLU B 184 14.49 4.06 -9.57
C GLU B 184 14.62 4.87 -10.86
N LEU B 185 13.48 5.42 -11.31
CA LEU B 185 13.43 6.09 -12.59
C LEU B 185 13.96 7.52 -12.68
N GLY B 186 14.22 8.18 -11.54
CA GLY B 186 14.86 9.51 -11.52
C GLY B 186 16.23 9.49 -12.24
N GLU B 187 16.91 8.33 -12.17
CA GLU B 187 18.20 8.11 -12.79
C GLU B 187 18.18 8.28 -14.30
N TYR B 188 17.03 7.97 -14.91
CA TYR B 188 16.87 8.09 -16.35
C TYR B 188 16.11 9.35 -16.70
N GLY B 189 15.93 10.26 -15.74
CA GLY B 189 15.20 11.49 -15.97
C GLY B 189 13.67 11.33 -16.08
N ILE B 190 13.10 10.19 -15.66
CA ILE B 190 11.67 9.94 -15.69
C ILE B 190 11.05 10.32 -14.35
N ARG B 191 9.93 11.04 -14.39
CA ARG B 191 9.21 11.44 -13.19
C ARG B 191 7.98 10.57 -12.96
N VAL B 192 7.70 10.25 -11.70
CA VAL B 192 6.58 9.40 -11.33
C VAL B 192 5.83 10.07 -10.19
N ASN B 193 4.54 10.34 -10.41
CA ASN B 193 3.70 11.01 -9.44
C ASN B 193 2.30 10.41 -9.36
N CYS B 194 1.51 10.78 -8.35
CA CYS B 194 0.13 10.36 -8.28
C CYS B 194 -0.73 11.50 -7.78
N VAL B 195 -2.02 11.34 -8.09
CA VAL B 195 -3.06 12.31 -7.77
C VAL B 195 -4.05 11.63 -6.82
N SER B 196 -4.44 12.30 -5.72
CA SER B 196 -5.32 11.74 -4.72
C SER B 196 -6.57 12.59 -4.48
N PRO B 197 -7.67 12.29 -5.19
CA PRO B 197 -8.90 13.03 -5.09
C PRO B 197 -9.80 12.66 -3.91
N TYR B 198 -10.63 13.63 -3.53
CA TYR B 198 -11.78 13.45 -2.65
C TYR B 198 -12.90 12.89 -3.57
N ILE B 199 -14.21 12.88 -3.25
CA ILE B 199 -15.24 12.35 -4.17
C ILE B 199 -15.45 13.27 -5.37
N VAL B 200 -15.28 12.63 -6.53
CA VAL B 200 -15.42 13.32 -7.79
C VAL B 200 -16.84 13.09 -8.27
N ALA B 201 -17.49 14.25 -8.35
CA ALA B 201 -18.86 14.47 -8.75
C ALA B 201 -19.72 13.28 -9.17
N SER B 202 -19.45 12.74 -10.37
CA SER B 202 -20.18 11.63 -10.98
C SER B 202 -19.31 10.39 -11.29
N PRO B 203 -19.73 9.19 -11.80
CA PRO B 203 -21.03 8.84 -12.41
C PRO B 203 -22.36 9.06 -11.66
N LEU B 204 -22.48 8.40 -10.50
CA LEU B 204 -23.68 8.44 -9.69
C LEU B 204 -23.24 7.93 -8.33
N LEU B 205 -22.81 6.67 -8.39
CA LEU B 205 -22.31 5.83 -7.31
C LEU B 205 -23.31 5.52 -6.21
N THR B 206 -23.35 4.21 -5.95
CA THR B 206 -24.31 3.61 -5.05
C THR B 206 -24.17 3.77 -3.55
N ASP B 207 -25.39 3.85 -3.03
CA ASP B 207 -25.73 3.91 -1.62
C ASP B 207 -27.23 3.71 -1.56
N VAL B 208 -27.75 2.76 -0.76
CA VAL B 208 -29.19 2.54 -0.64
C VAL B 208 -29.73 3.58 0.36
N PHE B 209 -29.89 4.73 -0.33
CA PHE B 209 -30.27 6.04 0.15
C PHE B 209 -30.52 6.82 -1.16
N GLY B 210 -29.88 7.99 -1.33
CA GLY B 210 -30.01 8.82 -2.53
C GLY B 210 -28.81 8.66 -3.44
N VAL B 211 -28.79 7.53 -4.15
CA VAL B 211 -27.78 7.18 -5.13
C VAL B 211 -28.09 7.93 -6.43
N ASP B 212 -27.75 9.22 -6.35
CA ASP B 212 -27.98 10.20 -7.39
C ASP B 212 -26.80 11.16 -7.37
N SER B 213 -26.19 11.46 -8.53
CA SER B 213 -25.00 12.30 -8.59
C SER B 213 -25.14 13.68 -8.00
N SER B 214 -26.20 14.43 -8.32
CA SER B 214 -26.47 15.76 -7.79
C SER B 214 -26.62 15.73 -6.27
N ARG B 215 -27.27 14.68 -5.76
CA ARG B 215 -27.44 14.50 -4.34
C ARG B 215 -26.15 14.12 -3.63
N VAL B 216 -25.26 13.29 -4.23
CA VAL B 216 -24.01 12.98 -3.54
C VAL B 216 -23.04 14.14 -3.68
N GLU B 217 -23.22 14.98 -4.72
CA GLU B 217 -22.43 16.19 -4.92
C GLU B 217 -22.73 17.23 -3.85
N GLU B 218 -24.00 17.32 -3.43
CA GLU B 218 -24.36 18.20 -2.34
C GLU B 218 -24.07 17.62 -0.97
N LEU B 219 -23.95 16.29 -0.88
CA LEU B 219 -23.50 15.63 0.34
C LEU B 219 -22.00 15.86 0.46
N ALA B 220 -21.29 15.73 -0.67
CA ALA B 220 -19.86 15.95 -0.72
C ALA B 220 -19.49 17.39 -0.38
N HIS B 221 -20.26 18.38 -0.88
CA HIS B 221 -20.07 19.78 -0.54
C HIS B 221 -20.40 20.05 0.93
N GLN B 222 -21.44 19.42 1.46
CA GLN B 222 -21.86 19.59 2.83
C GLN B 222 -20.75 19.13 3.77
N ALA B 223 -20.10 18.04 3.38
CA ALA B 223 -19.02 17.48 4.16
C ALA B 223 -17.64 18.07 3.83
N ALA B 224 -17.56 18.89 2.80
CA ALA B 224 -16.28 19.44 2.37
C ALA B 224 -15.68 20.50 3.27
N ASN B 225 -14.36 20.52 3.20
CA ASN B 225 -13.59 21.71 3.57
C ASN B 225 -13.51 22.24 2.14
N LEU B 226 -13.66 23.55 2.01
CA LEU B 226 -13.70 24.32 0.76
C LEU B 226 -15.11 24.28 0.18
N LYS B 227 -15.75 25.36 0.60
CA LYS B 227 -17.11 25.61 0.22
C LYS B 227 -17.20 26.45 -1.07
N GLY B 228 -18.39 26.47 -1.67
CA GLY B 228 -18.64 27.26 -2.87
C GLY B 228 -18.20 26.62 -4.16
N THR B 229 -17.72 25.38 -4.17
CA THR B 229 -17.30 24.70 -5.40
C THR B 229 -17.45 23.20 -5.14
N LEU B 230 -17.53 22.46 -6.24
CA LEU B 230 -17.58 21.01 -6.21
C LEU B 230 -16.37 20.48 -6.93
N LEU B 231 -15.78 19.41 -6.39
CA LEU B 231 -14.69 18.72 -7.06
C LEU B 231 -15.22 18.03 -8.32
N ARG B 232 -14.60 18.29 -9.45
CA ARG B 232 -15.03 17.69 -10.69
C ARG B 232 -13.89 16.95 -11.40
N ALA B 233 -14.22 16.15 -12.42
CA ALA B 233 -13.23 15.46 -13.23
C ALA B 233 -12.28 16.42 -13.93
N GLU B 234 -12.75 17.63 -14.33
CA GLU B 234 -11.93 18.67 -14.93
C GLU B 234 -10.85 19.16 -13.96
N ASP B 235 -11.10 19.23 -12.66
CA ASP B 235 -10.07 19.60 -11.68
C ASP B 235 -8.98 18.54 -11.53
N VAL B 236 -9.36 17.26 -11.55
CA VAL B 236 -8.42 16.14 -11.53
C VAL B 236 -7.63 16.13 -12.82
N ALA B 237 -8.29 16.30 -13.97
CA ALA B 237 -7.58 16.40 -15.25
C ALA B 237 -6.54 17.53 -15.26
N ASP B 238 -6.86 18.69 -14.64
CA ASP B 238 -5.93 19.80 -14.51
C ASP B 238 -4.69 19.45 -13.73
N ALA B 239 -4.88 18.68 -12.65
CA ALA B 239 -3.75 18.23 -11.84
C ALA B 239 -2.88 17.25 -12.60
N VAL B 240 -3.51 16.32 -13.34
CA VAL B 240 -2.76 15.38 -14.16
C VAL B 240 -2.02 16.10 -15.29
N ALA B 241 -2.60 17.08 -15.98
CA ALA B 241 -1.88 17.84 -17.02
C ALA B 241 -0.69 18.60 -16.47
N TYR B 242 -0.78 19.16 -15.24
CA TYR B 242 0.35 19.81 -14.57
C TYR B 242 1.50 18.81 -14.40
N LEU B 243 1.22 17.64 -13.80
CA LEU B 243 2.25 16.62 -13.58
C LEU B 243 2.76 15.98 -14.87
N ALA B 244 1.90 15.91 -15.88
CA ALA B 244 2.26 15.29 -17.15
C ALA B 244 3.18 16.11 -18.05
N GLY B 245 3.05 17.43 -18.04
CA GLY B 245 3.82 18.31 -18.91
C GLY B 245 5.13 18.82 -18.34
N ASP B 246 5.70 19.78 -19.07
CA ASP B 246 7.01 20.29 -18.70
C ASP B 246 7.05 21.41 -17.67
N GLU B 247 5.90 21.91 -17.21
CA GLU B 247 5.91 22.89 -16.14
C GLU B 247 5.98 22.22 -14.75
N SER B 248 6.18 20.90 -14.68
CA SER B 248 6.42 20.18 -13.42
C SER B 248 7.70 19.37 -13.59
N LYS B 249 8.69 19.86 -14.36
CA LYS B 249 9.87 19.06 -14.67
C LYS B 249 10.81 18.75 -13.51
N TYR B 250 10.61 19.30 -12.31
CA TYR B 250 11.39 18.82 -11.21
C TYR B 250 10.44 18.23 -10.16
N VAL B 251 9.19 17.90 -10.52
CA VAL B 251 8.26 17.28 -9.58
C VAL B 251 8.23 15.76 -9.78
N SER B 252 8.67 15.02 -8.77
CA SER B 252 8.61 13.58 -8.80
C SER B 252 8.45 13.03 -7.37
N GLY B 253 7.69 11.94 -7.28
CA GLY B 253 7.37 11.32 -5.99
C GLY B 253 6.31 12.09 -5.23
N LEU B 254 5.58 12.99 -5.89
CA LEU B 254 4.53 13.77 -5.25
C LEU B 254 3.16 13.10 -5.28
N ASN B 255 2.54 13.10 -4.09
CA ASN B 255 1.15 12.72 -3.96
C ASN B 255 0.36 14.02 -3.93
N LEU B 256 -0.18 14.37 -5.11
CA LEU B 256 -0.92 15.60 -5.29
C LEU B 256 -2.35 15.37 -4.86
N VAL B 257 -2.61 15.76 -3.61
CA VAL B 257 -3.92 15.61 -3.01
C VAL B 257 -4.79 16.72 -3.56
N ILE B 258 -5.98 16.34 -4.06
CA ILE B 258 -6.98 17.26 -4.58
C ILE B 258 -8.25 16.99 -3.78
N ASP B 259 -8.34 17.57 -2.59
CA ASP B 259 -9.48 17.37 -1.70
C ASP B 259 -10.00 18.65 -1.03
N GLY B 260 -9.54 19.81 -1.48
CA GLY B 260 -9.96 21.09 -0.92
C GLY B 260 -9.66 21.22 0.57
N GLY B 261 -8.70 20.44 1.10
CA GLY B 261 -8.32 20.44 2.50
C GLY B 261 -9.12 19.48 3.36
N TYR B 262 -10.01 18.65 2.80
CA TYR B 262 -10.83 17.72 3.55
C TYR B 262 -10.06 16.85 4.57
N THR B 263 -8.92 16.32 4.16
CA THR B 263 -8.16 15.42 5.02
C THR B 263 -7.27 16.16 6.02
N ARG B 264 -7.27 17.49 6.05
CA ARG B 264 -6.43 18.25 6.97
C ARG B 264 -6.96 18.33 8.41
N THR B 265 -8.10 17.71 8.66
CA THR B 265 -8.77 17.77 9.93
C THR B 265 -9.79 16.63 10.05
N ASN B 266 -10.04 16.28 11.30
CA ASN B 266 -11.16 15.43 11.63
C ASN B 266 -12.04 16.37 12.47
N PRO B 267 -13.20 16.80 11.95
CA PRO B 267 -14.07 17.79 12.57
C PRO B 267 -15.00 17.19 13.63
N ALA B 268 -14.90 15.88 13.89
CA ALA B 268 -15.80 15.20 14.81
C ALA B 268 -15.92 15.82 16.19
N PHE B 269 -14.80 16.10 16.86
CA PHE B 269 -14.85 16.70 18.18
C PHE B 269 -15.27 18.17 18.19
N PRO B 270 -14.84 19.12 17.34
CA PRO B 270 -15.44 20.45 17.22
C PRO B 270 -16.95 20.41 17.00
N THR B 271 -17.41 19.50 16.14
CA THR B 271 -18.83 19.37 15.86
C THR B 271 -19.54 18.78 17.06
N ALA B 272 -19.01 17.72 17.70
CA ALA B 272 -19.55 17.11 18.92
C ALA B 272 -18.95 17.91 20.06
N LEU B 273 -19.52 19.10 20.10
CA LEU B 273 -19.18 20.20 20.98
C LEU B 273 -20.15 21.29 20.56
N LYS B 274 -20.23 21.57 19.25
CA LYS B 274 -21.16 22.54 18.68
C LYS B 274 -22.62 22.10 18.76
N HIS B 275 -23.19 21.28 17.85
CA HIS B 275 -24.58 20.86 18.05
C HIS B 275 -24.57 19.68 19.01
N GLY B 276 -23.84 18.62 18.61
CA GLY B 276 -23.68 17.36 19.35
C GLY B 276 -23.21 17.54 20.79
N LEU B 277 -24.26 17.64 21.61
CA LEU B 277 -24.24 17.80 23.06
C LEU B 277 -25.38 16.95 23.61
N ALA B 278 -25.09 15.86 24.12
#